data_6YK5
#
_entry.id   6YK5
#
_cell.length_a   59.075
_cell.length_b   96.331
_cell.length_c   48.522
_cell.angle_alpha   90.000
_cell.angle_beta   90.000
_cell.angle_gamma   90.000
#
_symmetry.space_group_name_H-M   'P 21 21 2'
#
loop_
_entity.id
_entity.type
_entity.pdbx_description
1 polymer 'Glutamate receptor 2'
2 non-polymer GLYCEROL
3 non-polymer 'SULFATE ION'
4 non-polymer 'LITHIUM ION'
5 non-polymer "(S)-1-(2'-Amino-2'-carboxyethyl)-5,7-dihydrofuro[3,4-d]-pyrimidine-2,4(1H,3H)-dione"
6 non-polymer 'CHLORIDE ION'
7 water water
#
_entity_poly.entity_id   1
_entity_poly.type   'polypeptide(L)'
_entity_poly.pdbx_seq_one_letter_code
;GANKTVVVTTILESPYVMMKKNHEMLEGNERYEGYCVDLAAEIAKHCGFKYKLTIVGDGKYGARDADTKIWNGMVGELVY
GKADIAIAPLTITLVREEVIDFSKPFMSLGISIMIKKGTPIESAEDLSKQTEIAYGTLDSGSTKEFFRRSKIAVFDKMWT
YMRSAEPSVFVRTTAEGVARVRKSKGKYAYLLESTMNEYIEQRKPCDTMKVGGNLDSKGYGIATPKGSSLGNAVNLAVLK
LNEQGLLDKLKNKWWYDKGECGSG
;
_entity_poly.pdbx_strand_id   A
#
loop_
_chem_comp.id
_chem_comp.type
_chem_comp.name
_chem_comp.formula
CL non-polymer 'CHLORIDE ION' 'Cl -1'
GOL non-polymer GLYCEROL 'C3 H8 O3'
LI non-polymer 'LITHIUM ION' 'Li 1'
PVK non-polymer (S)-1-(2'-Amino-2'-carboxyethyl)-5,7-dihydrofuro[3,4-d]-pyrimidine-2,4(1H,3H)-dione 'C9 H11 N3 O5'
SO4 non-polymer 'SULFATE ION' 'O4 S -2'
#
# COMPACT_ATOMS: atom_id res chain seq x y z
N GLY A 1 -3.01 25.74 -23.27
CA GLY A 1 -4.37 26.10 -22.80
C GLY A 1 -4.38 26.48 -21.33
N ALA A 2 -5.57 26.83 -20.85
CA ALA A 2 -5.70 27.19 -19.45
C ALA A 2 -5.43 26.00 -18.52
N ASN A 3 -5.00 26.31 -17.30
CA ASN A 3 -4.88 25.29 -16.28
C ASN A 3 -6.22 24.60 -16.06
N LYS A 4 -6.15 23.31 -15.77
CA LYS A 4 -7.33 22.52 -15.43
C LYS A 4 -7.13 21.85 -14.08
N THR A 5 -8.25 21.56 -13.41
CA THR A 5 -8.19 20.81 -12.17
C THR A 5 -7.62 19.43 -12.41
N VAL A 6 -6.66 19.04 -11.58
CA VAL A 6 -5.98 17.76 -11.69
C VAL A 6 -6.85 16.67 -11.07
N VAL A 7 -7.08 15.60 -11.81
CA VAL A 7 -7.84 14.46 -11.32
C VAL A 7 -6.89 13.48 -10.64
N VAL A 8 -7.08 13.31 -9.33
CA VAL A 8 -6.28 12.39 -8.53
C VAL A 8 -7.09 11.11 -8.37
N THR A 9 -6.48 9.97 -8.66
CA THR A 9 -7.05 8.69 -8.29
C THR A 9 -6.38 8.17 -7.02
N THR A 10 -7.19 7.63 -6.12
CA THR A 10 -6.72 7.03 -4.88
C THR A 10 -7.67 5.91 -4.51
N ILE A 11 -7.45 5.31 -3.35
CA ILE A 11 -8.19 4.13 -2.92
C ILE A 11 -8.45 4.24 -1.42
N LEU A 12 -9.61 3.77 -0.99
CA LEU A 12 -9.92 3.76 0.44
C LEU A 12 -9.12 2.64 1.10
N GLU A 13 -8.19 3.03 1.96
CA GLU A 13 -7.28 2.10 2.63
CA GLU A 13 -7.31 2.10 2.65
C GLU A 13 -6.77 2.86 3.85
N SER A 14 -7.16 2.44 5.05
CA SER A 14 -6.69 3.16 6.24
CA SER A 14 -6.70 3.13 6.26
C SER A 14 -5.23 2.81 6.51
N PRO A 15 -4.42 3.78 6.99
CA PRO A 15 -4.75 5.16 7.34
C PRO A 15 -4.43 6.17 6.21
N TYR A 16 -4.36 5.68 4.98
CA TYR A 16 -3.98 6.52 3.85
C TYR A 16 -5.14 7.39 3.38
N VAL A 17 -6.31 6.80 3.16
CA VAL A 17 -7.49 7.53 2.72
C VAL A 17 -8.69 6.90 3.38
N MET A 18 -9.47 7.71 4.09
CA MET A 18 -10.68 7.27 4.79
CA MET A 18 -10.67 7.27 4.80
C MET A 18 -11.74 8.35 4.63
N MET A 19 -13.00 7.95 4.58
CA MET A 19 -14.06 8.93 4.66
C MET A 19 -14.16 9.38 6.12
N LYS A 20 -14.19 10.69 6.34
CA LYS A 20 -14.32 11.21 7.69
C LYS A 20 -15.62 10.74 8.33
N LYS A 21 -15.63 10.65 9.65
CA LYS A 21 -16.83 10.22 10.34
C LYS A 21 -18.03 11.03 9.93
N ASN A 22 -17.86 12.34 9.79
CA ASN A 22 -18.98 13.21 9.46
C ASN A 22 -19.05 13.54 7.98
N HIS A 23 -18.59 12.62 7.12
CA HIS A 23 -18.45 12.95 5.71
C HIS A 23 -19.74 13.39 5.06
N GLU A 24 -20.89 12.88 5.52
CA GLU A 24 -22.16 13.23 4.88
C GLU A 24 -22.47 14.71 5.02
N MET A 25 -21.86 15.39 5.99
CA MET A 25 -22.02 16.83 6.16
C MET A 25 -21.12 17.63 5.25
N LEU A 26 -20.16 16.99 4.60
CA LEU A 26 -19.06 17.68 3.94
C LEU A 26 -19.18 17.50 2.43
N GLU A 27 -18.31 18.16 1.68
CA GLU A 27 -18.29 17.95 0.23
C GLU A 27 -16.87 18.03 -0.33
N GLY A 28 -16.69 17.45 -1.51
CA GLY A 28 -15.44 17.53 -2.21
C GLY A 28 -14.30 16.83 -1.47
N ASN A 29 -13.11 17.39 -1.61
CA ASN A 29 -11.93 16.74 -1.02
C ASN A 29 -12.01 16.68 0.49
N GLU A 30 -12.78 17.57 1.11
CA GLU A 30 -12.90 17.63 2.55
C GLU A 30 -13.65 16.44 3.14
N ARG A 31 -14.29 15.60 2.32
CA ARG A 31 -14.91 14.39 2.86
C ARG A 31 -13.90 13.38 3.36
N TYR A 32 -12.65 13.46 2.91
CA TYR A 32 -11.65 12.45 3.14
C TYR A 32 -10.56 12.92 4.09
N GLU A 33 -9.92 11.96 4.75
CA GLU A 33 -8.79 12.24 5.61
C GLU A 33 -7.79 11.09 5.53
N GLY A 34 -6.57 11.35 5.97
CA GLY A 34 -5.54 10.35 6.03
C GLY A 34 -4.19 10.80 5.50
N TYR A 35 -3.22 9.91 5.59
CA TYR A 35 -1.86 10.21 5.17
C TYR A 35 -1.82 10.69 3.73
N CYS A 36 -2.46 9.94 2.81
CA CYS A 36 -2.39 10.32 1.40
C CYS A 36 -3.25 11.55 1.07
N VAL A 37 -4.30 11.79 1.84
CA VAL A 37 -5.07 13.03 1.70
C VAL A 37 -4.18 14.21 2.06
N ASP A 38 -3.45 14.10 3.16
CA ASP A 38 -2.54 15.17 3.56
C ASP A 38 -1.40 15.31 2.55
N LEU A 39 -0.86 14.19 2.07
CA LEU A 39 0.21 14.24 1.10
C LEU A 39 -0.24 14.91 -0.19
N ALA A 40 -1.44 14.58 -0.67
CA ALA A 40 -1.97 15.19 -1.88
C ALA A 40 -2.03 16.71 -1.72
N ALA A 41 -2.52 17.17 -0.58
CA ALA A 41 -2.63 18.60 -0.34
C ALA A 41 -1.25 19.26 -0.31
N GLU A 42 -0.26 18.59 0.28
CA GLU A 42 1.09 19.16 0.29
C GLU A 42 1.69 19.22 -1.11
N ILE A 43 1.51 18.16 -1.89
CA ILE A 43 2.05 18.16 -3.25
CA ILE A 43 2.04 18.15 -3.26
C ILE A 43 1.40 19.27 -4.07
N ALA A 44 0.07 19.40 -3.98
CA ALA A 44 -0.63 20.42 -4.73
C ALA A 44 -0.20 21.81 -4.31
N LYS A 45 0.03 22.03 -3.01
CA LYS A 45 0.50 23.32 -2.53
C LYS A 45 1.86 23.65 -3.11
N HIS A 46 2.77 22.67 -3.14
CA HIS A 46 4.10 22.92 -3.65
C HIS A 46 4.10 23.15 -5.15
N CYS A 47 3.26 22.43 -5.88
CA CYS A 47 3.24 22.48 -7.33
C CYS A 47 2.30 23.55 -7.87
N GLY A 48 1.40 24.07 -7.05
CA GLY A 48 0.51 25.13 -7.49
C GLY A 48 -0.63 24.67 -8.36
N PHE A 49 -1.23 23.53 -8.08
CA PHE A 49 -2.39 23.10 -8.83
C PHE A 49 -3.59 22.87 -7.92
N LYS A 50 -4.78 22.97 -8.51
CA LYS A 50 -6.03 22.56 -7.90
C LYS A 50 -6.32 21.12 -8.31
N TYR A 51 -7.01 20.37 -7.45
CA TYR A 51 -7.19 18.95 -7.69
C TYR A 51 -8.50 18.45 -7.12
N LYS A 52 -8.92 17.28 -7.62
CA LYS A 52 -10.12 16.59 -7.18
C LYS A 52 -9.73 15.16 -6.83
N LEU A 53 -10.01 14.76 -5.59
CA LEU A 53 -9.82 13.37 -5.18
C LEU A 53 -10.96 12.50 -5.69
N THR A 54 -10.62 11.43 -6.38
CA THR A 54 -11.54 10.43 -6.88
C THR A 54 -11.06 9.07 -6.42
N ILE A 55 -12.00 8.13 -6.31
CA ILE A 55 -11.71 6.78 -5.82
C ILE A 55 -11.72 5.81 -7.00
N VAL A 56 -10.63 5.05 -7.16
CA VAL A 56 -10.46 4.14 -8.29
C VAL A 56 -11.67 3.23 -8.42
N GLY A 57 -12.20 3.14 -9.63
CA GLY A 57 -13.47 2.44 -9.83
C GLY A 57 -13.44 0.97 -9.47
N ASP A 58 -12.35 0.27 -9.81
CA ASP A 58 -12.28 -1.18 -9.66
C ASP A 58 -11.61 -1.63 -8.38
N GLY A 59 -11.19 -0.71 -7.52
CA GLY A 59 -10.65 -1.10 -6.24
C GLY A 59 -9.30 -1.79 -6.27
N LYS A 60 -8.53 -1.62 -7.33
CA LYS A 60 -7.25 -2.28 -7.48
C LYS A 60 -6.11 -1.28 -7.61
N TYR A 61 -4.90 -1.80 -7.36
CA TYR A 61 -3.67 -1.01 -7.43
C TYR A 61 -3.18 -0.92 -8.87
N GLY A 62 -2.91 -2.06 -9.50
CA GLY A 62 -2.62 -2.06 -10.92
C GLY A 62 -1.85 -3.26 -11.42
N ALA A 63 -2.46 -4.00 -12.33
CA ALA A 63 -1.86 -5.16 -12.95
C ALA A 63 -2.39 -5.28 -14.36
N ARG A 64 -1.66 -6.02 -15.18
CA ARG A 64 -2.01 -6.20 -16.58
CA ARG A 64 -1.97 -6.21 -16.60
C ARG A 64 -2.50 -7.63 -16.81
N ASP A 65 -3.67 -7.74 -17.39
CA ASP A 65 -4.19 -9.05 -17.74
C ASP A 65 -3.35 -9.67 -18.86
N ALA A 66 -2.89 -10.91 -18.65
CA ALA A 66 -1.96 -11.53 -19.59
C ALA A 66 -2.60 -11.81 -20.95
N ASP A 67 -3.92 -12.01 -20.98
CA ASP A 67 -4.63 -12.30 -22.22
C ASP A 67 -5.09 -11.03 -22.94
N THR A 68 -5.74 -10.11 -22.24
CA THR A 68 -6.27 -8.92 -22.90
C THR A 68 -5.25 -7.80 -22.98
N LYS A 69 -4.18 -7.87 -22.19
CA LYS A 69 -3.15 -6.84 -22.09
C LYS A 69 -3.69 -5.55 -21.47
N ILE A 70 -4.87 -5.59 -20.85
CA ILE A 70 -5.46 -4.39 -20.25
C ILE A 70 -4.96 -4.21 -18.82
N TRP A 71 -4.59 -2.98 -18.49
CA TRP A 71 -4.20 -2.60 -17.15
C TRP A 71 -5.43 -2.23 -16.32
N ASN A 72 -5.48 -2.75 -15.09
CA ASN A 72 -6.55 -2.41 -14.17
C ASN A 72 -6.04 -1.46 -13.08
N GLY A 73 -6.94 -1.13 -12.15
CA GLY A 73 -6.57 -0.36 -10.98
C GLY A 73 -6.19 1.08 -11.28
N MET A 74 -5.51 1.68 -10.30
CA MET A 74 -5.05 3.05 -10.45
C MET A 74 -4.05 3.18 -11.60
N VAL A 75 -3.20 2.17 -11.78
CA VAL A 75 -2.30 2.20 -12.93
C VAL A 75 -3.10 2.32 -14.22
N GLY A 76 -4.14 1.49 -14.37
CA GLY A 76 -4.99 1.57 -15.54
C GLY A 76 -5.64 2.93 -15.72
N GLU A 77 -6.11 3.54 -14.64
CA GLU A 77 -6.71 4.86 -14.78
C GLU A 77 -5.71 5.87 -15.36
N LEU A 78 -4.44 5.78 -14.98
CA LEU A 78 -3.41 6.64 -15.57
C LEU A 78 -3.14 6.28 -17.03
N VAL A 79 -2.94 4.98 -17.30
CA VAL A 79 -2.61 4.51 -18.64
C VAL A 79 -3.66 4.93 -19.65
N TYR A 80 -4.94 4.86 -19.26
CA TYR A 80 -6.05 5.12 -20.17
C TYR A 80 -6.59 6.54 -20.06
N GLY A 81 -5.92 7.40 -19.29
CA GLY A 81 -6.26 8.82 -19.30
C GLY A 81 -7.43 9.21 -18.44
N LYS A 82 -7.87 8.34 -17.54
CA LYS A 82 -9.00 8.63 -16.67
C LYS A 82 -8.60 9.45 -15.45
N ALA A 83 -7.32 9.48 -15.10
CA ALA A 83 -6.81 10.28 -14.00
C ALA A 83 -5.48 10.87 -14.43
N ASP A 84 -5.09 11.96 -13.76
CA ASP A 84 -3.84 12.66 -14.02
C ASP A 84 -2.71 12.24 -13.09
N ILE A 85 -3.04 11.76 -11.89
CA ILE A 85 -2.04 11.40 -10.89
C ILE A 85 -2.69 10.40 -9.97
N ALA A 86 -1.90 9.45 -9.47
CA ALA A 86 -2.34 8.51 -8.45
C ALA A 86 -1.54 8.77 -7.19
N ILE A 87 -2.22 8.97 -6.06
CA ILE A 87 -1.60 9.26 -4.78
C ILE A 87 -2.18 8.25 -3.79
N ALA A 88 -1.41 7.22 -3.47
CA ALA A 88 -1.91 6.04 -2.78
C ALA A 88 -0.70 5.22 -2.32
N PRO A 89 -0.90 4.18 -1.49
CA PRO A 89 0.22 3.27 -1.14
C PRO A 89 0.47 2.30 -2.30
N LEU A 90 1.04 2.86 -3.38
CA LEU A 90 1.22 2.20 -4.65
C LEU A 90 2.71 1.88 -4.82
N THR A 91 3.01 0.59 -4.86
CA THR A 91 4.39 0.14 -4.94
C THR A 91 5.00 0.37 -6.31
N ILE A 92 6.23 0.89 -6.31
CA ILE A 92 7.03 1.04 -7.51
C ILE A 92 7.55 -0.35 -7.89
N THR A 93 7.11 -0.85 -9.04
CA THR A 93 7.54 -2.13 -9.57
C THR A 93 7.98 -1.97 -11.02
N LEU A 94 8.80 -2.92 -11.48
CA LEU A 94 9.30 -2.86 -12.84
CA LEU A 94 9.30 -2.88 -12.84
C LEU A 94 8.17 -2.84 -13.87
N VAL A 95 7.21 -3.76 -13.75
CA VAL A 95 6.20 -3.82 -14.81
C VAL A 95 5.34 -2.55 -14.84
N ARG A 96 5.09 -1.94 -13.69
CA ARG A 96 4.36 -0.68 -13.68
C ARG A 96 5.23 0.45 -14.23
N GLU A 97 6.51 0.46 -13.86
CA GLU A 97 7.41 1.52 -14.31
C GLU A 97 7.50 1.57 -15.83
N GLU A 98 7.32 0.43 -16.50
CA GLU A 98 7.34 0.41 -17.95
C GLU A 98 6.18 1.17 -18.58
N VAL A 99 5.08 1.37 -17.87
CA VAL A 99 3.88 1.94 -18.48
C VAL A 99 3.44 3.27 -17.89
N ILE A 100 3.90 3.64 -16.70
CA ILE A 100 3.59 4.91 -16.05
CA ILE A 100 3.61 4.94 -16.12
C ILE A 100 4.90 5.48 -15.50
N ASP A 101 4.86 6.76 -15.15
CA ASP A 101 5.97 7.41 -14.46
C ASP A 101 5.73 7.40 -12.95
N PHE A 102 6.82 7.29 -12.20
CA PHE A 102 6.76 7.30 -10.74
C PHE A 102 7.73 8.32 -10.19
N SER A 103 7.30 9.04 -9.15
CA SER A 103 8.24 9.81 -8.35
C SER A 103 9.21 8.88 -7.63
N LYS A 104 10.29 9.46 -7.12
CA LYS A 104 11.09 8.79 -6.12
C LYS A 104 10.19 8.45 -4.92
N PRO A 105 10.58 7.47 -4.11
CA PRO A 105 9.67 7.00 -3.07
C PRO A 105 9.31 8.07 -2.04
N PHE A 106 8.06 8.08 -1.63
CA PHE A 106 7.66 8.88 -0.47
C PHE A 106 7.61 8.07 0.82
N MET A 107 7.71 6.74 0.73
N MET A 107 7.59 6.74 0.70
CA MET A 107 7.70 5.84 1.87
CA MET A 107 7.72 5.86 1.83
C MET A 107 8.44 4.57 1.46
C MET A 107 8.59 4.69 1.43
N SER A 108 9.40 4.14 2.29
N SER A 108 9.22 4.10 2.42
CA SER A 108 10.21 2.94 2.07
CA SER A 108 9.90 2.83 2.29
C SER A 108 9.71 1.83 3.01
C SER A 108 9.09 1.73 2.95
N LEU A 109 9.66 0.59 2.52
N LEU A 109 9.23 0.52 2.45
CA LEU A 109 8.94 -0.49 3.20
CA LEU A 109 8.52 -0.58 3.03
C LEU A 109 9.36 -1.85 2.64
C LEU A 109 9.11 -1.87 2.50
N GLY A 110 8.74 -2.95 3.15
CA GLY A 110 8.95 -4.28 2.62
C GLY A 110 7.82 -5.19 3.06
N ILE A 111 7.69 -6.32 2.37
CA ILE A 111 6.74 -7.33 2.82
C ILE A 111 7.17 -7.84 4.20
N SER A 112 6.18 -8.12 5.05
CA SER A 112 6.43 -8.47 6.45
C SER A 112 5.37 -9.45 6.93
N ILE A 113 5.60 -10.01 8.11
CA ILE A 113 4.71 -11.01 8.70
C ILE A 113 3.97 -10.38 9.88
N MET A 114 2.64 -10.48 9.87
CA MET A 114 1.78 -10.15 11.00
C MET A 114 1.32 -11.44 11.66
N ILE A 115 1.53 -11.52 12.96
CA ILE A 115 1.03 -12.65 13.75
C ILE A 115 0.11 -12.14 14.85
N LYS A 116 -0.78 -13.03 15.27
CA LYS A 116 -1.43 -12.86 16.57
CA LYS A 116 -1.43 -12.89 16.57
C LYS A 116 -0.38 -13.10 17.65
N LYS A 117 -0.38 -12.24 18.67
CA LYS A 117 0.61 -12.37 19.72
C LYS A 117 0.67 -13.81 20.23
N GLY A 118 1.88 -14.32 20.38
CA GLY A 118 2.10 -15.66 20.91
C GLY A 118 2.29 -16.74 19.85
N THR A 119 2.08 -16.41 18.58
CA THR A 119 2.25 -17.39 17.51
C THR A 119 3.72 -17.73 17.40
N PRO A 120 4.09 -19.01 17.36
CA PRO A 120 5.53 -19.39 17.35
C PRO A 120 6.15 -19.35 15.96
N ILE A 121 6.26 -18.14 15.42
CA ILE A 121 6.83 -17.87 14.10
C ILE A 121 7.70 -16.62 14.24
N GLU A 122 8.91 -16.68 13.66
CA GLU A 122 9.83 -15.55 13.68
C GLU A 122 10.33 -15.12 12.32
N SER A 123 10.01 -15.85 11.25
CA SER A 123 10.58 -15.57 9.95
C SER A 123 9.75 -16.22 8.87
N ALA A 124 9.99 -15.77 7.64
CA ALA A 124 9.36 -16.41 6.49
C ALA A 124 9.82 -17.86 6.37
N GLU A 125 11.09 -18.12 6.64
CA GLU A 125 11.57 -19.49 6.61
C GLU A 125 10.77 -20.36 7.59
N ASP A 126 10.49 -19.86 8.79
CA ASP A 126 9.67 -20.60 9.74
C ASP A 126 8.32 -20.96 9.12
N LEU A 127 7.65 -19.98 8.50
CA LEU A 127 6.35 -20.27 7.89
C LEU A 127 6.48 -21.35 6.83
N SER A 128 7.50 -21.22 5.97
CA SER A 128 7.63 -22.07 4.80
C SER A 128 7.79 -23.53 5.16
N LYS A 129 8.31 -23.83 6.35
CA LYS A 129 8.63 -25.19 6.75
C LYS A 129 7.46 -25.91 7.39
N GLN A 130 6.28 -25.30 7.45
CA GLN A 130 5.16 -25.90 8.18
C GLN A 130 3.84 -25.54 7.51
N THR A 131 2.77 -26.18 8.00
CA THR A 131 1.42 -25.91 7.50
C THR A 131 0.37 -25.74 8.59
N GLU A 132 0.71 -26.02 9.86
CA GLU A 132 -0.26 -25.88 10.94
C GLU A 132 -0.75 -24.44 11.07
N ILE A 133 0.17 -23.49 10.97
CA ILE A 133 -0.16 -22.07 10.96
C ILE A 133 -0.29 -21.70 9.48
N ALA A 134 -1.52 -21.46 9.03
CA ALA A 134 -1.75 -21.07 7.65
C ALA A 134 -1.28 -19.64 7.44
N TYR A 135 -0.98 -19.30 6.18
CA TYR A 135 -0.48 -17.96 5.89
C TYR A 135 -0.82 -17.58 4.45
N GLY A 136 -1.07 -16.28 4.24
CA GLY A 136 -1.43 -15.82 2.91
C GLY A 136 -1.35 -14.32 2.81
N THR A 137 -1.88 -13.80 1.69
CA THR A 137 -1.74 -12.42 1.28
C THR A 137 -3.10 -11.92 0.78
N LEU A 138 -3.16 -10.64 0.44
CA LEU A 138 -4.24 -10.13 -0.38
C LEU A 138 -4.33 -10.93 -1.69
N ASP A 139 -5.53 -10.95 -2.27
CA ASP A 139 -5.76 -11.67 -3.51
C ASP A 139 -5.42 -10.88 -4.77
N SER A 140 -4.88 -9.67 -4.60
CA SER A 140 -4.48 -8.78 -5.69
CA SER A 140 -4.36 -8.89 -5.71
C SER A 140 -3.39 -7.88 -5.13
N GLY A 141 -2.46 -7.44 -5.97
CA GLY A 141 -1.49 -6.42 -5.59
C GLY A 141 -0.07 -6.94 -5.54
N SER A 142 0.83 -6.04 -5.17
CA SER A 142 2.27 -6.34 -5.28
C SER A 142 2.74 -7.39 -4.28
N THR A 143 2.10 -7.52 -3.11
CA THR A 143 2.51 -8.56 -2.18
C THR A 143 2.24 -9.94 -2.75
N LYS A 144 1.03 -10.15 -3.27
CA LYS A 144 0.73 -11.42 -3.92
C LYS A 144 1.68 -11.67 -5.09
N GLU A 145 1.91 -10.65 -5.91
CA GLU A 145 2.73 -10.83 -7.10
CA GLU A 145 2.73 -10.82 -7.10
C GLU A 145 4.17 -11.15 -6.74
N PHE A 146 4.67 -10.62 -5.61
CA PHE A 146 6.02 -10.95 -5.15
C PHE A 146 6.18 -12.45 -5.03
N PHE A 147 5.24 -13.11 -4.36
CA PHE A 147 5.32 -14.55 -4.19
C PHE A 147 5.12 -15.27 -5.51
N ARG A 148 4.13 -14.84 -6.30
CA ARG A 148 3.85 -15.51 -7.56
C ARG A 148 5.06 -15.52 -8.49
N ARG A 149 5.82 -14.43 -8.49
CA ARG A 149 6.93 -14.27 -9.43
C ARG A 149 8.27 -14.70 -8.86
N SER A 150 8.36 -15.01 -7.58
CA SER A 150 9.68 -15.17 -6.99
C SER A 150 10.34 -16.44 -7.46
N LYS A 151 11.64 -16.34 -7.72
CA LYS A 151 12.50 -17.48 -7.97
C LYS A 151 13.38 -17.83 -6.77
N ILE A 152 13.21 -17.13 -5.65
CA ILE A 152 13.94 -17.44 -4.42
CA ILE A 152 13.93 -17.43 -4.41
C ILE A 152 13.29 -18.66 -3.78
N ALA A 153 14.11 -19.63 -3.36
CA ALA A 153 13.57 -20.93 -2.95
C ALA A 153 12.52 -20.82 -1.87
N VAL A 154 12.78 -20.07 -0.81
CA VAL A 154 11.82 -20.00 0.30
CA VAL A 154 11.82 -20.01 0.29
C VAL A 154 10.51 -19.40 -0.18
N PHE A 155 10.56 -18.33 -0.97
CA PHE A 155 9.34 -17.65 -1.38
C PHE A 155 8.57 -18.44 -2.43
N ASP A 156 9.29 -19.15 -3.33
CA ASP A 156 8.64 -20.04 -4.27
C ASP A 156 7.90 -21.15 -3.55
N LYS A 157 8.52 -21.71 -2.51
CA LYS A 157 7.86 -22.74 -1.70
C LYS A 157 6.62 -22.18 -1.02
N MET A 158 6.73 -20.96 -0.51
CA MET A 158 5.56 -20.31 0.09
C MET A 158 4.44 -20.11 -0.91
N TRP A 159 4.77 -19.70 -2.14
CA TRP A 159 3.71 -19.52 -3.14
C TRP A 159 3.03 -20.84 -3.48
N THR A 160 3.81 -21.90 -3.66
CA THR A 160 3.22 -23.20 -3.94
C THR A 160 2.32 -23.66 -2.80
N TYR A 161 2.74 -23.42 -1.56
CA TYR A 161 1.89 -23.66 -0.41
C TYR A 161 0.60 -22.84 -0.50
N MET A 162 0.70 -21.54 -0.78
CA MET A 162 -0.47 -20.68 -0.75
C MET A 162 -1.49 -21.09 -1.81
N ARG A 163 -1.02 -21.46 -3.00
CA ARG A 163 -1.96 -21.82 -4.05
C ARG A 163 -2.71 -23.11 -3.70
N SER A 164 -2.06 -24.01 -2.97
CA SER A 164 -2.62 -25.33 -2.71
C SER A 164 -3.27 -25.47 -1.33
N ALA A 165 -3.13 -24.48 -0.44
CA ALA A 165 -3.63 -24.62 0.91
C ALA A 165 -5.15 -24.51 0.94
N GLU A 166 -5.77 -25.24 1.88
CA GLU A 166 -7.20 -25.20 2.06
C GLU A 166 -7.54 -25.06 3.54
N PRO A 167 -8.53 -24.23 3.90
CA PRO A 167 -9.27 -23.34 3.00
C PRO A 167 -8.38 -22.23 2.44
N SER A 168 -8.91 -21.46 1.51
CA SER A 168 -8.12 -20.43 0.86
C SER A 168 -7.43 -19.55 1.89
N VAL A 169 -6.15 -19.29 1.64
CA VAL A 169 -5.37 -18.42 2.52
C VAL A 169 -5.39 -16.98 2.07
N PHE A 170 -6.06 -16.66 0.97
CA PHE A 170 -6.09 -15.30 0.45
C PHE A 170 -7.25 -14.54 1.05
N VAL A 171 -7.08 -13.22 1.13
CA VAL A 171 -8.11 -12.32 1.63
C VAL A 171 -8.33 -11.21 0.61
N ARG A 172 -9.51 -10.60 0.65
CA ARG A 172 -9.84 -9.56 -0.32
C ARG A 172 -9.38 -8.18 0.11
N THR A 173 -9.29 -7.93 1.42
CA THR A 173 -8.94 -6.60 1.93
C THR A 173 -8.02 -6.75 3.13
N THR A 174 -7.30 -5.66 3.42
CA THR A 174 -6.49 -5.61 4.63
C THR A 174 -7.32 -5.91 5.87
N ALA A 175 -8.50 -5.31 5.95
CA ALA A 175 -9.35 -5.53 7.12
C ALA A 175 -9.67 -7.01 7.30
N GLU A 176 -9.92 -7.71 6.20
CA GLU A 176 -10.20 -9.14 6.29
C GLU A 176 -8.97 -9.91 6.76
N GLY A 177 -7.77 -9.56 6.27
CA GLY A 177 -6.57 -10.23 6.73
C GLY A 177 -6.32 -10.03 8.21
N VAL A 178 -6.47 -8.78 8.67
CA VAL A 178 -6.29 -8.47 10.09
C VAL A 178 -7.31 -9.21 10.95
N ALA A 179 -8.58 -9.18 10.54
CA ALA A 179 -9.61 -9.88 11.30
C ALA A 179 -9.32 -11.37 11.36
N ARG A 180 -8.83 -11.93 10.25
CA ARG A 180 -8.51 -13.35 10.22
C ARG A 180 -7.37 -13.69 11.18
N VAL A 181 -6.32 -12.87 11.21
CA VAL A 181 -5.28 -13.05 12.22
C VAL A 181 -5.89 -13.03 13.61
N ARG A 182 -6.73 -12.02 13.88
CA ARG A 182 -7.24 -11.82 15.22
C ARG A 182 -8.18 -12.92 15.67
N LYS A 183 -8.89 -13.56 14.75
CA LYS A 183 -9.90 -14.54 15.10
C LYS A 183 -9.41 -15.98 15.00
N SER A 184 -8.19 -16.21 14.51
CA SER A 184 -7.78 -17.58 14.17
C SER A 184 -6.91 -18.25 15.24
N LYS A 185 -6.81 -17.66 16.45
CA LYS A 185 -6.20 -18.34 17.59
C LYS A 185 -4.76 -18.75 17.30
N GLY A 186 -4.05 -17.93 16.53
CA GLY A 186 -2.67 -18.21 16.21
C GLY A 186 -2.47 -19.08 14.98
N LYS A 187 -3.54 -19.49 14.31
CA LYS A 187 -3.41 -20.42 13.20
C LYS A 187 -3.48 -19.75 11.84
N TYR A 188 -3.42 -18.42 11.79
CA TYR A 188 -3.26 -17.68 10.55
C TYR A 188 -2.26 -16.56 10.76
N ALA A 189 -1.28 -16.46 9.87
CA ALA A 189 -0.35 -15.35 9.81
C ALA A 189 -0.54 -14.65 8.47
N TYR A 190 -0.45 -13.34 8.47
CA TYR A 190 -0.77 -12.53 7.31
C TYR A 190 0.49 -11.85 6.78
N LEU A 191 0.76 -12.03 5.49
CA LEU A 191 1.88 -11.39 4.82
CA LEU A 191 1.88 -11.40 4.81
C LEU A 191 1.38 -10.09 4.19
N LEU A 192 1.97 -8.97 4.59
CA LEU A 192 1.48 -7.66 4.19
C LEU A 192 2.63 -6.65 4.24
N GLU A 193 2.39 -5.49 3.64
CA GLU A 193 3.41 -4.46 3.63
C GLU A 193 3.68 -3.95 5.05
N SER A 194 4.97 -3.70 5.32
CA SER A 194 5.44 -3.41 6.67
C SER A 194 4.78 -2.17 7.24
N THR A 195 4.51 -1.16 6.45
N THR A 195 4.58 -1.15 6.39
CA THR A 195 3.91 0.02 7.09
CA THR A 195 3.84 0.06 6.73
C THR A 195 2.45 -0.22 7.43
C THR A 195 2.52 -0.28 7.39
N MET A 196 1.73 -1.11 6.72
CA MET A 196 0.42 -1.48 7.22
C MET A 196 0.53 -2.28 8.52
N ASN A 197 1.50 -3.21 8.57
CA ASN A 197 1.72 -4.01 9.78
C ASN A 197 2.00 -3.10 10.96
N GLU A 198 2.86 -2.08 10.77
CA GLU A 198 3.20 -1.13 11.82
C GLU A 198 1.99 -0.35 12.30
N TYR A 199 1.12 0.05 11.36
CA TYR A 199 -0.09 0.78 11.72
C TYR A 199 -1.00 -0.08 12.58
N ILE A 200 -1.27 -1.30 12.13
CA ILE A 200 -2.20 -2.19 12.83
C ILE A 200 -1.68 -2.55 14.22
N GLU A 201 -0.35 -2.67 14.37
CA GLU A 201 0.21 -2.99 15.67
CA GLU A 201 0.24 -2.98 15.66
C GLU A 201 -0.13 -1.94 16.71
N GLN A 202 -0.43 -0.71 16.29
CA GLN A 202 -0.81 0.35 17.22
C GLN A 202 -2.31 0.58 17.27
N ARG A 203 -3.11 -0.40 16.84
CA ARG A 203 -4.57 -0.33 16.92
C ARG A 203 -5.11 -1.34 17.92
N LYS A 204 -6.11 -0.92 18.70
CA LYS A 204 -6.83 -1.85 19.56
C LYS A 204 -7.44 -2.96 18.72
N PRO A 205 -7.51 -4.20 19.24
CA PRO A 205 -7.20 -4.58 20.62
C PRO A 205 -5.75 -4.95 20.92
N CYS A 206 -4.80 -4.49 20.11
CA CYS A 206 -3.38 -4.58 20.47
C CYS A 206 -2.93 -6.03 20.59
N ASP A 207 -3.44 -6.87 19.68
CA ASP A 207 -3.23 -8.31 19.75
C ASP A 207 -2.41 -8.84 18.58
N THR A 208 -1.87 -7.96 17.74
CA THR A 208 -1.04 -8.36 16.63
C THR A 208 0.37 -7.79 16.80
N MET A 209 1.31 -8.37 16.08
CA MET A 209 2.62 -7.76 16.02
C MET A 209 3.33 -8.16 14.74
N LYS A 210 4.25 -7.30 14.34
CA LYS A 210 5.16 -7.57 13.24
C LYS A 210 6.31 -8.40 13.77
N VAL A 211 6.67 -9.48 13.06
CA VAL A 211 7.76 -10.35 13.49
CA VAL A 211 7.77 -10.34 13.50
C VAL A 211 8.76 -10.54 12.36
N GLY A 212 10.03 -10.65 12.72
CA GLY A 212 11.07 -10.90 11.75
C GLY A 212 11.42 -9.67 10.94
N GLY A 213 12.43 -9.84 10.09
CA GLY A 213 12.78 -8.78 9.17
C GLY A 213 11.86 -8.78 7.98
N ASN A 214 11.96 -7.72 7.19
CA ASN A 214 11.17 -7.67 5.98
C ASN A 214 11.75 -8.61 4.93
N LEU A 215 10.87 -9.08 4.04
CA LEU A 215 11.27 -10.03 3.01
C LEU A 215 11.90 -9.36 1.81
N ASP A 216 11.64 -8.07 1.62
CA ASP A 216 12.16 -7.29 0.50
C ASP A 216 12.24 -5.82 0.94
N SER A 217 12.77 -4.99 0.05
N SER A 217 12.64 -4.95 0.01
CA SER A 217 12.86 -3.55 0.25
CA SER A 217 12.82 -3.54 0.31
C SER A 217 12.26 -2.94 -1.00
C SER A 217 12.49 -2.69 -0.90
N LYS A 218 11.39 -1.94 -0.82
CA LYS A 218 10.84 -1.21 -1.94
C LYS A 218 10.25 0.08 -1.45
N GLY A 219 9.52 0.77 -2.36
CA GLY A 219 8.98 2.07 -2.04
C GLY A 219 7.62 2.29 -2.70
N TYR A 220 6.86 3.19 -2.10
CA TYR A 220 5.67 3.74 -2.72
C TYR A 220 6.05 5.02 -3.47
N GLY A 221 5.47 5.19 -4.66
CA GLY A 221 5.69 6.39 -5.44
C GLY A 221 4.39 7.01 -5.90
N ILE A 222 4.45 8.31 -6.14
CA ILE A 222 3.36 9.05 -6.80
CA ILE A 222 3.35 9.00 -6.79
C ILE A 222 3.45 8.74 -8.28
N ALA A 223 2.34 8.37 -8.91
CA ALA A 223 2.36 7.94 -10.30
C ALA A 223 1.62 8.92 -11.20
N THR A 224 2.14 9.08 -12.41
CA THR A 224 1.55 9.92 -13.45
C THR A 224 1.62 9.17 -14.77
N PRO A 225 0.79 9.56 -15.74
CA PRO A 225 0.90 8.94 -17.07
C PRO A 225 2.29 9.17 -17.63
N LYS A 226 2.75 8.21 -18.41
CA LYS A 226 4.09 8.25 -18.95
C LYS A 226 4.25 9.51 -19.78
N GLY A 227 5.29 10.28 -19.47
CA GLY A 227 5.57 11.50 -20.18
C GLY A 227 4.78 12.71 -19.73
N SER A 228 3.92 12.59 -18.72
CA SER A 228 3.13 13.73 -18.29
C SER A 228 4.02 14.84 -17.78
N SER A 229 3.68 16.08 -18.14
N SER A 229 3.68 16.07 -18.13
CA SER A 229 4.47 17.21 -17.67
CA SER A 229 4.43 17.25 -17.70
C SER A 229 4.44 17.33 -16.15
C SER A 229 4.14 17.65 -16.25
N LEU A 230 3.37 16.85 -15.51
CA LEU A 230 3.20 17.00 -14.07
C LEU A 230 4.25 16.22 -13.29
N GLY A 231 4.83 15.21 -13.92
CA GLY A 231 5.71 14.30 -13.20
C GLY A 231 6.92 14.97 -12.58
N ASN A 232 7.56 15.89 -13.33
CA ASN A 232 8.78 16.49 -12.81
C ASN A 232 8.50 17.26 -11.52
N ALA A 233 7.47 18.12 -11.55
CA ALA A 233 7.17 18.95 -10.40
C ALA A 233 6.76 18.10 -9.21
N VAL A 234 5.97 17.06 -9.45
CA VAL A 234 5.52 16.20 -8.36
CA VAL A 234 5.52 16.25 -8.31
C VAL A 234 6.70 15.49 -7.71
N ASN A 235 7.64 15.02 -8.53
CA ASN A 235 8.81 14.36 -7.99
C ASN A 235 9.66 15.31 -7.14
N LEU A 236 9.88 16.52 -7.64
CA LEU A 236 10.61 17.51 -6.85
C LEU A 236 9.90 17.80 -5.54
N ALA A 237 8.56 17.87 -5.57
CA ALA A 237 7.80 18.10 -4.34
C ALA A 237 8.01 16.97 -3.34
N VAL A 238 7.98 15.71 -3.79
CA VAL A 238 8.23 14.59 -2.89
C VAL A 238 9.61 14.73 -2.24
N LEU A 239 10.63 15.01 -3.05
CA LEU A 239 11.98 15.15 -2.51
C LEU A 239 12.05 16.29 -1.50
N LYS A 240 11.40 17.43 -1.80
CA LYS A 240 11.41 18.55 -0.87
C LYS A 240 10.73 18.19 0.44
N LEU A 241 9.54 17.59 0.37
CA LEU A 241 8.83 17.19 1.58
C LEU A 241 9.66 16.22 2.42
N ASN A 242 10.35 15.30 1.75
CA ASN A 242 11.20 14.40 2.49
C ASN A 242 12.32 15.14 3.18
N GLU A 243 13.01 16.00 2.43
CA GLU A 243 14.16 16.73 2.95
C GLU A 243 13.79 17.68 4.07
N GLN A 244 12.56 18.19 4.08
CA GLN A 244 12.10 19.06 5.16
C GLN A 244 11.63 18.29 6.39
N GLY A 245 11.58 16.96 6.33
CA GLY A 245 11.13 16.17 7.44
C GLY A 245 9.62 16.00 7.50
N LEU A 246 8.90 16.49 6.50
CA LEU A 246 7.45 16.50 6.56
C LEU A 246 6.84 15.13 6.33
N LEU A 247 7.50 14.26 5.54
CA LEU A 247 6.98 12.92 5.37
C LEU A 247 7.10 12.12 6.67
N ASP A 248 8.20 12.32 7.40
CA ASP A 248 8.33 11.67 8.71
C ASP A 248 7.25 12.17 9.68
N LYS A 249 7.00 13.48 9.69
CA LYS A 249 5.96 14.01 10.56
CA LYS A 249 5.95 14.02 10.56
C LYS A 249 4.60 13.43 10.20
N LEU A 250 4.34 13.26 8.90
CA LEU A 250 3.06 12.73 8.45
CA LEU A 250 3.05 12.73 8.47
C LEU A 250 2.88 11.27 8.86
N LYS A 251 3.93 10.46 8.73
CA LYS A 251 3.82 9.09 9.20
C LYS A 251 3.56 9.06 10.71
N ASN A 252 4.29 9.87 11.47
CA ASN A 252 4.05 9.90 12.91
C ASN A 252 2.62 10.29 13.23
N LYS A 253 2.08 11.27 12.51
CA LYS A 253 0.70 11.71 12.75
C LYS A 253 -0.28 10.56 12.61
N TRP A 254 -0.17 9.78 11.54
CA TRP A 254 -1.19 8.78 11.20
C TRP A 254 -0.90 7.40 11.80
N TRP A 255 0.31 7.14 12.26
CA TRP A 255 0.68 5.84 12.82
C TRP A 255 0.81 5.84 14.33
N TYR A 256 1.47 6.85 14.90
CA TYR A 256 1.97 6.76 16.26
C TYR A 256 1.40 7.83 17.20
N ASP A 257 1.19 9.05 16.73
CA ASP A 257 0.83 10.13 17.64
C ASP A 257 -0.43 9.80 18.42
N LYS A 258 -1.39 9.12 17.78
CA LYS A 258 -2.60 8.67 18.44
C LYS A 258 -2.70 7.15 18.46
N GLY A 259 -1.56 6.47 18.49
CA GLY A 259 -1.54 5.03 18.68
C GLY A 259 -2.33 4.61 19.90
N GLU A 260 -2.97 3.45 19.80
CA GLU A 260 -3.91 2.97 20.81
C GLU A 260 -3.34 1.91 21.73
N CYS A 261 -2.05 1.62 21.63
CA CYS A 261 -1.47 0.47 22.32
C CYS A 261 -0.34 0.89 23.26
N GLY A 262 -0.42 2.10 23.78
CA GLY A 262 0.54 2.62 24.74
C GLY A 262 1.61 3.47 24.08
N SER A 263 2.59 3.82 24.91
CA SER A 263 3.67 4.70 24.49
C SER A 263 4.98 3.94 24.37
C1 GOL B . 4.97 -18.77 22.81
O1 GOL B . 3.84 -19.39 22.19
C2 GOL B . 6.19 -18.77 21.85
O2 GOL B . 6.45 -20.05 21.36
C3 GOL B . 5.89 -17.73 20.74
O3 GOL B . 5.69 -16.42 21.33
C1 GOL C . -3.78 -18.36 20.80
O1 GOL C . -4.09 -17.19 20.14
C2 GOL C . -4.68 -18.41 22.04
O2 GOL C . -6.02 -18.37 21.67
C3 GOL C . -4.31 -19.71 22.75
O3 GOL C . -4.69 -19.52 24.08
C1 GOL D . 15.19 -7.09 2.73
O1 GOL D . 15.40 -6.25 1.63
C2 GOL D . 16.43 -6.96 3.65
O2 GOL D . 16.54 -5.69 4.20
C3 GOL D . 16.26 -8.05 4.71
O3 GOL D . 15.19 -7.68 5.50
C1 GOL E . 1.75 -3.21 21.14
O1 GOL E . 0.70 -4.04 21.36
C2 GOL E . 2.95 -4.10 20.95
O2 GOL E . 3.17 -4.96 22.04
C3 GOL E . 4.14 -3.13 20.81
O3 GOL E . 3.82 -2.21 19.83
S SO4 F . -5.69 -8.83 -10.45
O1 SO4 F . -6.54 -8.46 -11.58
O2 SO4 F . -4.67 -7.80 -10.30
O3 SO4 F . -6.51 -8.82 -9.24
O4 SO4 F . -5.20 -10.19 -10.64
S SO4 G . -14.25 4.33 5.23
O1 SO4 G . -15.40 5.23 5.23
O2 SO4 G . -13.09 5.06 4.78
O3 SO4 G . -14.53 3.19 4.34
O4 SO4 G . -14.02 3.81 6.58
S SO4 H . 2.99 -9.64 -24.31
O1 SO4 H . 1.69 -9.96 -24.88
O2 SO4 H . 3.32 -8.25 -24.57
O3 SO4 H . 4.02 -10.50 -24.89
O4 SO4 H . 2.96 -9.88 -22.86
S SO4 I . -8.53 -14.34 21.39
O1 SO4 I . -9.13 -13.35 20.49
O2 SO4 I . -8.31 -15.59 20.67
O3 SO4 I . -7.25 -13.82 21.85
O4 SO4 I . -9.36 -14.54 22.57
S SO4 J . 8.20 25.77 1.45
O1 SO4 J . 8.89 24.69 0.75
O2 SO4 J . 7.25 26.40 0.55
O3 SO4 J . 9.19 26.76 1.88
O4 SO4 J . 7.51 25.22 2.60
S SO4 K . 18.02 -18.42 -3.24
O1 SO4 K . 18.11 -17.20 -4.06
O2 SO4 K . 16.96 -19.27 -3.79
O3 SO4 K . 17.68 -18.06 -1.87
O4 SO4 K . 19.29 -19.12 -3.28
LI LI L . 7.78 4.40 -15.57
C2 PVK M . -0.25 -4.89 -1.13
C4 PVK M . -1.14 -2.97 -0.01
N1 PVK M . -0.06 -5.46 0.12
C6 PVK M . -1.46 -2.62 2.25
C5 PVK M . -1.00 -3.54 1.17
C1 PVK M . -0.43 -4.85 1.30
C3 PVK M . -1.69 -1.59 0.13
C7 PVK M . -0.91 -3.00 -2.48
C8 PVK M . 0.50 -2.64 -3.06
C9 PVK M . 0.42 -2.37 -4.57
N2 PVK M . -0.77 -3.58 -1.18
N4 PVK M . 1.11 -1.49 -2.37
O1 PVK M . -0.24 -5.46 2.35
O2 PVK M . 0.05 -5.48 -2.16
O3 PVK M . 0.84 -1.28 -5.00
O4 PVK M . -0.01 -3.29 -5.29
O5 PVK M . -1.77 -1.41 1.55
CL CL N . -11.17 22.15 -14.77
#